data_5IBQ
#
_entry.id   5IBQ
#
_cell.length_a   93.272
_cell.length_b   36.924
_cell.length_c   95.619
_cell.angle_alpha   90.000
_cell.angle_beta   118.020
_cell.angle_gamma   90.000
#
_symmetry.space_group_name_H-M   'C 1 2 1'
#
loop_
_entity.id
_entity.type
_entity.pdbx_description
1 polymer 'Probable ribose ABC transporter, substrate-binding protein'
2 non-polymer 3-C-(hydroxylmethyl)-alpha-D-erythrofuranose
3 non-polymer 'CALCIUM ION'
4 water water
#
_entity_poly.entity_id   1
_entity_poly.type   'polypeptide(L)'
_entity_poly.pdbx_seq_one_letter_code
;MHHHHHHSSGVDLGTENLYFQSMADLIAIITPAHDNPFFKAEAVGAEAKAKELGYETLVMTHDDDANKQSEMIDTAIGRG
AKAIILDNAGADASVAAVKKAKDAGIPSFLIDREINATGVAVAQIVSNNYQGAQLGAQEFVKLMGEKGNYVELVGKESDT
NAGIRSQGYHDVIDDYPEMKSVAKQSANWSQTEAYSKMETILQANPDIKGVISGNDTMAMGAIAALQAAGRKDVIVVGFD
GSNDVRDSIKSGGIKATVLQPAYAQAQLAVEQADAYIKNKTTPKEEKQLMDCVLINADNAGKLETFALTN
;
_entity_poly.pdbx_strand_id   A
#
loop_
_chem_comp.id
_chem_comp.type
_chem_comp.name
_chem_comp.formula
CA non-polymer 'CALCIUM ION' 'Ca 2'
XXM D-saccharide, alpha linking 3-C-(hydroxylmethyl)-alpha-D-erythrofuranose 'C5 H10 O5'
#
# COMPACT_ATOMS: atom_id res chain seq x y z
N MET A 23 -21.54 24.24 10.92
CA MET A 23 -21.61 23.97 12.35
C MET A 23 -20.97 22.61 12.68
N ALA A 24 -21.01 21.69 11.72
CA ALA A 24 -20.49 20.34 11.96
C ALA A 24 -18.97 20.37 12.02
N ASP A 25 -18.42 19.53 12.88
CA ASP A 25 -16.97 19.41 12.93
C ASP A 25 -16.43 18.83 11.63
N LEU A 26 -15.22 19.21 11.28
CA LEU A 26 -14.57 18.84 10.02
C LEU A 26 -13.45 17.84 10.28
N ILE A 27 -13.38 16.80 9.47
CA ILE A 27 -12.23 15.90 9.44
C ILE A 27 -11.57 16.03 8.07
N ALA A 28 -10.25 16.27 8.08
CA ALA A 28 -9.45 16.33 6.86
C ALA A 28 -8.86 14.97 6.57
N ILE A 29 -8.90 14.58 5.30
CA ILE A 29 -8.43 13.29 4.81
C ILE A 29 -7.42 13.58 3.71
N ILE A 30 -6.18 13.12 3.90
CA ILE A 30 -5.09 13.45 3.01
C ILE A 30 -4.37 12.15 2.62
N THR A 31 -4.29 11.89 1.32
CA THR A 31 -3.65 10.69 0.81
C THR A 31 -2.78 11.04 -0.39
N PRO A 32 -2.04 10.06 -0.93
CA PRO A 32 -1.44 10.25 -2.25
C PRO A 32 -2.52 10.28 -3.33
N ALA A 33 -2.08 10.40 -4.59
CA ALA A 33 -3.00 10.60 -5.69
C ALA A 33 -3.92 9.39 -5.87
N HIS A 34 -5.13 9.69 -6.33
CA HIS A 34 -6.16 8.69 -6.48
C HIS A 34 -6.03 7.84 -7.73
N ASP A 35 -4.97 8.04 -8.53
CA ASP A 35 -4.74 7.14 -9.66
C ASP A 35 -4.29 5.77 -9.23
N ASN A 36 -3.86 5.62 -8.00
CA ASN A 36 -3.68 4.31 -7.41
C ASN A 36 -4.96 3.98 -6.66
N PRO A 37 -5.71 2.95 -7.05
CA PRO A 37 -7.00 2.71 -6.41
C PRO A 37 -6.93 2.48 -4.92
N PHE A 38 -5.78 2.07 -4.40
CA PHE A 38 -5.64 1.89 -2.96
C PHE A 38 -5.95 3.18 -2.21
N PHE A 39 -5.35 4.29 -2.67
CA PHE A 39 -5.50 5.55 -1.96
C PHE A 39 -6.90 6.12 -2.13
N LYS A 40 -7.49 5.96 -3.32
CA LYS A 40 -8.87 6.39 -3.50
C LYS A 40 -9.80 5.64 -2.56
N ALA A 41 -9.59 4.33 -2.40
CA ALA A 41 -10.44 3.54 -1.53
C ALA A 41 -10.30 3.97 -0.08
N GLU A 42 -9.09 4.29 0.36
CA GLU A 42 -8.92 4.82 1.71
C GLU A 42 -9.67 6.13 1.89
N ALA A 43 -9.56 7.02 0.91
CA ALA A 43 -10.23 8.30 1.02
C ALA A 43 -11.74 8.11 1.11
N VAL A 44 -12.29 7.22 0.28
CA VAL A 44 -13.74 7.06 0.29
C VAL A 44 -14.19 6.36 1.56
N GLY A 45 -13.43 5.38 2.06
CA GLY A 45 -13.79 4.75 3.30
C GLY A 45 -13.75 5.71 4.47
N ALA A 46 -12.71 6.54 4.54
CA ALA A 46 -12.61 7.53 5.61
C ALA A 46 -13.75 8.54 5.51
N GLU A 47 -14.06 9.01 4.31
CA GLU A 47 -15.17 9.96 4.15
C GLU A 47 -16.47 9.35 4.61
N ALA A 48 -16.72 8.09 4.22
CA ALA A 48 -17.95 7.43 4.59
C ALA A 48 -18.09 7.36 6.10
N LYS A 49 -17.04 6.94 6.79
CA LYS A 49 -17.15 6.80 8.24
C LYS A 49 -17.31 8.15 8.92
N ALA A 50 -16.58 9.15 8.43
CA ALA A 50 -16.70 10.49 9.00
C ALA A 50 -18.12 11.01 8.91
N LYS A 51 -18.73 10.89 7.72
CA LYS A 51 -20.09 11.40 7.55
C LYS A 51 -21.12 10.57 8.34
N GLU A 52 -20.89 9.27 8.45
CA GLU A 52 -21.77 8.42 9.24
C GLU A 52 -21.79 8.86 10.68
N LEU A 53 -20.69 9.45 11.17
CA LEU A 53 -20.54 9.90 12.53
C LEU A 53 -20.83 11.40 12.69
N GLY A 54 -21.34 12.05 11.65
CA GLY A 54 -21.79 13.42 11.73
C GLY A 54 -20.79 14.47 11.35
N TYR A 55 -19.61 14.11 10.83
CA TYR A 55 -18.61 15.09 10.46
C TYR A 55 -18.76 15.52 9.00
N GLU A 56 -18.32 16.75 8.72
CA GLU A 56 -18.01 17.14 7.37
C GLU A 56 -16.58 16.72 7.04
N THR A 57 -16.26 16.66 5.75
CA THR A 57 -14.96 16.17 5.32
C THR A 57 -14.33 17.12 4.32
N LEU A 58 -13.01 17.09 4.29
CA LEU A 58 -12.20 17.82 3.33
C LEU A 58 -11.16 16.82 2.84
N VAL A 59 -11.26 16.41 1.58
CA VAL A 59 -10.41 15.36 1.01
C VAL A 59 -9.40 16.02 0.08
N MET A 60 -8.12 15.73 0.34
CA MET A 60 -7.02 16.34 -0.39
C MET A 60 -6.01 15.26 -0.75
N THR A 61 -5.24 15.51 -1.79
CA THR A 61 -4.19 14.61 -2.22
C THR A 61 -2.87 15.34 -2.26
N HIS A 62 -1.81 14.67 -1.84
CA HIS A 62 -0.50 15.28 -1.84
C HIS A 62 0.43 14.79 -2.95
N ASP A 63 0.01 13.83 -3.76
CA ASP A 63 0.77 13.40 -4.93
C ASP A 63 2.18 12.95 -4.58
N ASP A 64 2.36 12.41 -3.38
CA ASP A 64 3.67 11.94 -2.91
C ASP A 64 4.72 13.04 -2.92
N ASP A 65 4.26 14.25 -2.69
CA ASP A 65 5.12 15.43 -2.65
C ASP A 65 5.00 16.03 -1.26
N ALA A 66 6.11 16.05 -0.52
CA ALA A 66 6.08 16.51 0.86
C ALA A 66 5.70 17.99 0.95
N ASN A 67 6.07 18.80 -0.03
CA ASN A 67 5.65 20.20 -0.04
C ASN A 67 4.16 20.32 -0.25
N LYS A 68 3.59 19.56 -1.19
CA LYS A 68 2.14 19.56 -1.34
C LYS A 68 1.45 19.07 -0.06
N GLN A 69 2.01 18.03 0.58
CA GLN A 69 1.44 17.55 1.84
C GLN A 69 1.44 18.64 2.90
N SER A 70 2.53 19.39 3.00
CA SER A 70 2.61 20.48 3.96
C SER A 70 1.59 21.57 3.64
N GLU A 71 1.38 21.87 2.34
CA GLU A 71 0.32 22.80 1.94
C GLU A 71 -1.06 22.29 2.38
N MET A 72 -1.33 21.00 2.21
CA MET A 72 -2.65 20.47 2.54
C MET A 72 -2.87 20.45 4.05
N ILE A 73 -1.84 20.19 4.83
CA ILE A 73 -1.99 20.24 6.28
C ILE A 73 -2.24 21.67 6.73
N ASP A 74 -1.55 22.65 6.12
CA ASP A 74 -1.85 24.05 6.36
C ASP A 74 -3.31 24.36 6.04
N THR A 75 -3.83 23.82 4.95
CA THR A 75 -5.23 24.05 4.62
C THR A 75 -6.15 23.47 5.68
N ALA A 76 -5.85 22.25 6.15
CA ALA A 76 -6.66 21.65 7.21
C ALA A 76 -6.63 22.49 8.47
N ILE A 77 -5.46 23.04 8.82
CA ILE A 77 -5.33 23.92 9.97
C ILE A 77 -6.16 25.18 9.77
N GLY A 78 -6.02 25.81 8.60
CA GLY A 78 -6.75 27.04 8.34
C GLY A 78 -8.26 26.85 8.31
N ARG A 79 -8.72 25.66 7.95
CA ARG A 79 -10.14 25.34 7.93
C ARG A 79 -10.66 24.87 9.29
N GLY A 80 -9.79 24.67 10.27
CA GLY A 80 -10.25 24.23 11.57
C GLY A 80 -10.60 22.75 11.69
N ALA A 81 -9.95 21.89 10.93
CA ALA A 81 -10.21 20.45 11.07
C ALA A 81 -9.97 20.01 12.50
N LYS A 82 -10.85 19.15 13.00
CA LYS A 82 -10.70 18.59 14.34
C LYS A 82 -9.81 17.35 14.38
N ALA A 83 -9.53 16.76 13.23
CA ALA A 83 -8.56 15.66 13.14
C ALA A 83 -8.15 15.55 11.68
N ILE A 84 -6.98 14.95 11.48
CA ILE A 84 -6.46 14.64 10.15
C ILE A 84 -6.29 13.14 10.05
N ILE A 85 -6.77 12.56 8.96
CA ILE A 85 -6.50 11.18 8.57
C ILE A 85 -5.47 11.27 7.46
N LEU A 86 -4.32 10.62 7.63
CA LEU A 86 -3.20 10.83 6.73
C LEU A 86 -2.56 9.51 6.27
N ASP A 87 -2.46 9.35 4.95
CA ASP A 87 -1.59 8.35 4.33
C ASP A 87 -0.46 9.15 3.69
N ASN A 88 0.72 9.12 4.33
CA ASN A 88 1.71 10.19 4.23
C ASN A 88 2.57 10.16 2.97
N ALA A 89 3.32 11.24 2.80
CA ALA A 89 4.18 11.51 1.66
C ALA A 89 5.66 11.23 1.94
N GLY A 90 5.98 10.47 2.99
CA GLY A 90 7.34 10.04 3.27
C GLY A 90 7.55 9.84 4.76
N ALA A 91 8.18 8.74 5.16
CA ALA A 91 8.27 8.39 6.57
C ALA A 91 9.07 9.41 7.36
N ASP A 92 10.13 9.96 6.77
CA ASP A 92 10.92 10.99 7.43
C ASP A 92 10.35 12.37 7.18
N ALA A 93 10.04 12.68 5.92
CA ALA A 93 9.66 14.03 5.55
C ALA A 93 8.36 14.47 6.19
N SER A 94 7.49 13.53 6.59
CA SER A 94 6.17 13.88 7.08
C SER A 94 6.14 14.23 8.55
N VAL A 95 7.20 13.93 9.30
CA VAL A 95 7.17 14.15 10.74
C VAL A 95 6.87 15.62 11.07
N ALA A 96 7.58 16.54 10.41
CA ALA A 96 7.43 17.95 10.74
C ALA A 96 6.00 18.45 10.51
N ALA A 97 5.38 18.02 9.42
CA ALA A 97 4.02 18.50 9.13
C ALA A 97 3.00 17.93 10.11
N VAL A 98 3.16 16.67 10.51
CA VAL A 98 2.27 16.10 11.52
C VAL A 98 2.46 16.84 12.84
N LYS A 99 3.71 17.16 13.17
CA LYS A 99 4.01 17.87 14.41
C LYS A 99 3.47 19.30 14.36
N LYS A 100 3.54 19.93 13.18
CA LYS A 100 2.92 21.25 13.02
C LYS A 100 1.42 21.20 13.35
N ALA A 101 0.69 20.25 12.76
CA ALA A 101 -0.74 20.12 13.10
C ALA A 101 -0.93 19.88 14.59
N LYS A 102 -0.11 19.00 15.18
CA LYS A 102 -0.21 18.71 16.61
C LYS A 102 -0.03 19.96 17.45
N ASP A 103 0.98 20.76 17.12
CA ASP A 103 1.24 21.95 17.92
C ASP A 103 0.14 22.98 17.72
N ALA A 104 -0.63 22.90 16.64
CA ALA A 104 -1.81 23.73 16.42
C ALA A 104 -3.06 23.14 17.04
N GLY A 105 -2.93 22.06 17.82
CA GLY A 105 -4.05 21.44 18.49
C GLY A 105 -4.87 20.49 17.65
N ILE A 106 -4.32 19.99 16.54
CA ILE A 106 -5.06 19.11 15.63
C ILE A 106 -4.38 17.74 15.61
N PRO A 107 -5.05 16.69 16.10
CA PRO A 107 -4.45 15.35 16.12
C PRO A 107 -4.50 14.66 14.77
N SER A 108 -3.52 13.78 14.53
CA SER A 108 -3.45 13.02 13.30
C SER A 108 -3.55 11.53 13.57
N PHE A 109 -4.31 10.86 12.72
CA PHE A 109 -4.51 9.42 12.74
C PHE A 109 -4.01 8.91 11.40
N LEU A 110 -2.85 8.27 11.41
CA LEU A 110 -2.19 7.83 10.19
C LEU A 110 -2.64 6.43 9.82
N ILE A 111 -2.76 6.20 8.52
CA ILE A 111 -3.08 4.90 7.97
C ILE A 111 -2.02 4.54 6.93
N ASP A 112 -1.82 3.23 6.75
CA ASP A 112 -1.10 2.61 5.64
C ASP A 112 0.42 2.73 5.78
N ARG A 113 0.91 3.96 5.85
CA ARG A 113 2.33 4.29 5.92
C ARG A 113 2.68 4.84 7.31
N GLU A 114 3.75 4.31 7.87
CA GLU A 114 4.28 4.81 9.13
C GLU A 114 5.08 6.09 8.89
N ILE A 115 5.28 6.84 9.98
CA ILE A 115 6.32 7.86 10.05
C ILE A 115 7.41 7.38 11.00
N ASN A 116 8.60 7.94 10.83
CA ASN A 116 9.74 7.54 11.64
C ASN A 116 9.81 8.41 12.89
N ALA A 117 8.74 8.33 13.68
CA ALA A 117 8.70 9.02 14.96
C ALA A 117 7.49 8.49 15.71
N THR A 118 7.62 8.35 17.02
CA THR A 118 6.51 7.99 17.87
C THR A 118 6.15 9.18 18.76
N GLY A 119 4.92 9.16 19.27
CA GLY A 119 4.45 10.22 20.14
C GLY A 119 4.10 11.52 19.44
N VAL A 120 4.01 11.51 18.11
CA VAL A 120 3.60 12.68 17.35
C VAL A 120 2.19 12.48 16.80
N ALA A 121 2.01 11.50 15.92
CA ALA A 121 0.68 11.01 15.57
C ALA A 121 0.01 10.39 16.80
N VAL A 122 -1.31 10.47 16.85
CA VAL A 122 -2.06 9.77 17.89
C VAL A 122 -2.17 8.29 17.56
N ALA A 123 -2.23 7.94 16.29
CA ALA A 123 -2.33 6.54 15.87
C ALA A 123 -1.58 6.40 14.56
N GLN A 124 -1.00 5.21 14.37
CA GLN A 124 -0.45 4.78 13.09
C GLN A 124 -1.00 3.38 12.86
N ILE A 125 -2.04 3.27 12.03
CA ILE A 125 -2.75 2.01 11.82
C ILE A 125 -2.34 1.52 10.44
N VAL A 126 -1.54 0.46 10.39
CA VAL A 126 -0.97 -0.02 9.15
C VAL A 126 -1.25 -1.52 9.02
N SER A 127 -1.09 -2.03 7.81
CA SER A 127 -1.19 -3.46 7.64
C SER A 127 0.05 -4.14 8.20
N ASN A 128 -0.08 -5.44 8.48
CA ASN A 128 1.08 -6.21 8.91
C ASN A 128 1.84 -6.57 7.64
N ASN A 129 2.70 -5.64 7.22
CA ASN A 129 3.35 -5.76 5.91
C ASN A 129 4.31 -6.94 5.84
N TYR A 130 5.02 -7.23 6.92
CA TYR A 130 5.94 -8.36 6.88
C TYR A 130 5.18 -9.68 6.79
N GLN A 131 4.15 -9.84 7.60
CA GLN A 131 3.29 -11.02 7.54
C GLN A 131 2.68 -11.17 6.16
N GLY A 132 2.10 -10.10 5.62
CA GLY A 132 1.48 -10.20 4.32
C GLY A 132 2.47 -10.55 3.24
N ALA A 133 3.67 -9.96 3.31
CA ALA A 133 4.68 -10.22 2.29
C ALA A 133 5.09 -11.67 2.31
N GLN A 134 5.21 -12.24 3.50
CA GLN A 134 5.54 -13.66 3.58
C GLN A 134 4.45 -14.52 2.94
N LEU A 135 3.18 -14.16 3.11
CA LEU A 135 2.11 -14.93 2.46
C LEU A 135 2.25 -14.88 0.94
N GLY A 136 2.48 -13.70 0.40
CA GLY A 136 2.64 -13.57 -1.04
C GLY A 136 3.84 -14.34 -1.55
N ALA A 137 4.96 -14.24 -0.84
CA ALA A 137 6.16 -14.94 -1.31
C ALA A 137 6.00 -16.45 -1.18
N GLN A 138 5.31 -16.93 -0.16
CA GLN A 138 5.07 -18.36 -0.07
C GLN A 138 4.25 -18.84 -1.27
N GLU A 139 3.23 -18.07 -1.67
CA GLU A 139 2.46 -18.45 -2.85
C GLU A 139 3.32 -18.38 -4.11
N PHE A 140 4.15 -17.33 -4.24
CA PHE A 140 5.06 -17.21 -5.37
C PHE A 140 5.97 -18.42 -5.48
N VAL A 141 6.59 -18.83 -4.37
CA VAL A 141 7.46 -20.01 -4.37
C VAL A 141 6.70 -21.23 -4.86
N LYS A 142 5.49 -21.43 -4.35
CA LYS A 142 4.69 -22.59 -4.74
C LYS A 142 4.41 -22.56 -6.23
N LEU A 143 3.96 -21.41 -6.73
CA LEU A 143 3.65 -21.30 -8.16
C LEU A 143 4.89 -21.53 -9.01
N MET A 144 6.05 -21.09 -8.54
CA MET A 144 7.31 -21.26 -9.22
C MET A 144 7.88 -22.67 -9.10
N GLY A 145 7.24 -23.55 -8.34
CA GLY A 145 7.80 -24.87 -8.15
C GLY A 145 9.16 -24.85 -7.47
N GLU A 146 9.42 -23.84 -6.65
CA GLU A 146 10.62 -23.73 -5.85
C GLU A 146 11.88 -23.55 -6.69
N LYS A 147 11.77 -23.10 -7.94
CA LYS A 147 12.97 -22.99 -8.75
C LYS A 147 12.72 -21.96 -9.84
N GLY A 148 13.83 -21.40 -10.35
CA GLY A 148 13.76 -20.52 -11.51
C GLY A 148 14.25 -19.12 -11.24
N ASN A 149 14.53 -18.41 -12.32
CA ASN A 149 14.93 -17.02 -12.24
C ASN A 149 13.71 -16.13 -12.07
N TYR A 150 13.84 -15.10 -11.24
CA TYR A 150 12.74 -14.18 -11.03
C TYR A 150 13.29 -12.77 -10.92
N VAL A 151 12.40 -11.80 -11.01
N VAL A 151 12.36 -11.82 -11.01
CA VAL A 151 12.77 -10.42 -10.77
CA VAL A 151 12.59 -10.38 -10.88
C VAL A 151 11.78 -9.81 -9.79
C VAL A 151 11.76 -9.87 -9.71
N GLU A 152 12.27 -8.83 -9.06
CA GLU A 152 11.52 -8.14 -8.01
C GLU A 152 11.39 -6.67 -8.34
N LEU A 153 10.17 -6.15 -8.24
CA LEU A 153 9.91 -4.72 -8.31
C LEU A 153 9.66 -4.22 -6.89
N VAL A 154 10.41 -3.19 -6.49
CA VAL A 154 10.40 -2.62 -5.16
CA VAL A 154 10.32 -2.65 -5.14
C VAL A 154 9.68 -1.27 -5.20
N GLY A 155 9.13 -0.87 -4.07
CA GLY A 155 8.47 0.40 -3.95
C GLY A 155 9.40 1.57 -3.68
N LYS A 156 8.80 2.67 -3.25
CA LYS A 156 9.52 3.91 -2.97
C LYS A 156 10.39 3.78 -1.74
N GLU A 157 11.63 4.26 -1.85
CA GLU A 157 12.56 4.22 -0.72
C GLU A 157 12.02 4.99 0.48
N SER A 158 11.27 6.06 0.24
CA SER A 158 10.78 6.90 1.33
C SER A 158 9.67 6.24 2.14
N ASP A 159 9.10 5.14 1.65
CA ASP A 159 8.00 4.44 2.28
C ASP A 159 8.58 3.21 2.95
N THR A 160 8.48 3.12 4.28
CA THR A 160 9.08 1.95 4.94
C THR A 160 8.43 0.65 4.52
N ASN A 161 7.20 0.69 4.00
CA ASN A 161 6.57 -0.53 3.51
C ASN A 161 7.36 -1.18 2.39
N ALA A 162 8.08 -0.41 1.58
CA ALA A 162 8.80 -1.01 0.46
C ALA A 162 9.85 -1.98 0.98
N GLY A 163 10.64 -1.55 1.95
CA GLY A 163 11.71 -2.39 2.47
C GLY A 163 11.20 -3.52 3.34
N ILE A 164 10.13 -3.30 4.08
CA ILE A 164 9.55 -4.36 4.91
C ILE A 164 9.04 -5.49 4.03
N ARG A 165 8.31 -5.15 2.97
CA ARG A 165 7.80 -6.20 2.09
C ARG A 165 8.95 -6.92 1.40
N SER A 166 9.94 -6.19 0.90
N SER A 166 9.95 -6.21 0.93
CA SER A 166 11.11 -6.83 0.29
CA SER A 166 11.08 -6.87 0.29
C SER A 166 11.76 -7.80 1.26
C SER A 166 11.79 -7.80 1.26
N GLN A 167 11.90 -7.39 2.52
CA GLN A 167 12.52 -8.26 3.51
C GLN A 167 11.68 -9.51 3.75
N GLY A 168 10.36 -9.36 3.85
CA GLY A 168 9.51 -10.52 4.00
C GLY A 168 9.64 -11.46 2.83
N TYR A 169 9.68 -10.92 1.61
CA TYR A 169 9.85 -11.76 0.43
C TYR A 169 11.15 -12.53 0.51
N HIS A 170 12.24 -11.81 0.81
N HIS A 170 12.25 -11.89 0.86
CA HIS A 170 13.60 -12.34 0.91
CA HIS A 170 13.48 -12.64 0.80
C HIS A 170 13.66 -13.48 1.93
C HIS A 170 13.67 -13.56 1.97
N ASP A 171 13.03 -13.29 3.09
CA ASP A 171 13.13 -14.24 4.18
C ASP A 171 12.41 -15.56 3.85
N VAL A 172 11.45 -15.53 2.92
CA VAL A 172 10.87 -16.75 2.38
C VAL A 172 11.75 -17.32 1.27
N ILE A 173 12.09 -16.50 0.28
CA ILE A 173 12.67 -17.02 -0.95
C ILE A 173 14.09 -17.50 -0.71
N ASP A 174 14.79 -16.96 0.29
CA ASP A 174 16.17 -17.39 0.54
C ASP A 174 16.25 -18.79 1.13
N ASP A 175 15.12 -19.48 1.32
CA ASP A 175 15.11 -20.89 1.72
C ASP A 175 15.12 -21.83 0.52
N TYR A 176 15.10 -21.28 -0.71
CA TYR A 176 14.91 -22.06 -1.94
C TYR A 176 16.10 -21.78 -2.86
N PRO A 177 17.16 -22.59 -2.78
CA PRO A 177 18.40 -22.24 -3.48
C PRO A 177 18.30 -22.25 -4.98
N GLU A 178 17.32 -22.94 -5.54
CA GLU A 178 17.17 -22.99 -6.98
C GLU A 178 16.42 -21.79 -7.53
N MET A 179 15.90 -20.92 -6.67
CA MET A 179 15.31 -19.67 -7.11
CA MET A 179 15.30 -19.67 -7.10
C MET A 179 16.37 -18.59 -7.03
N LYS A 180 16.47 -17.78 -8.08
CA LYS A 180 17.52 -16.78 -8.16
C LYS A 180 16.93 -15.49 -8.68
N SER A 181 17.21 -14.39 -7.98
CA SER A 181 16.80 -13.08 -8.45
C SER A 181 17.79 -12.57 -9.47
N VAL A 182 17.29 -12.19 -10.65
CA VAL A 182 18.16 -11.67 -11.69
C VAL A 182 17.99 -10.17 -11.92
N ALA A 183 17.05 -9.52 -11.23
CA ALA A 183 16.98 -8.08 -11.17
C ALA A 183 16.11 -7.69 -9.99
N LYS A 184 16.44 -6.58 -9.38
CA LYS A 184 15.70 -6.03 -8.25
C LYS A 184 15.75 -4.52 -8.42
N GLN A 185 14.64 -3.91 -8.80
CA GLN A 185 14.60 -2.52 -9.21
C GLN A 185 13.37 -1.87 -8.63
N SER A 186 13.49 -0.60 -8.27
CA SER A 186 12.34 0.16 -7.80
C SER A 186 11.54 0.67 -8.98
N ALA A 187 10.22 0.53 -8.90
CA ALA A 187 9.32 1.26 -9.78
C ALA A 187 8.39 2.19 -9.01
N ASN A 188 8.75 2.51 -7.76
CA ASN A 188 8.20 3.66 -7.03
C ASN A 188 6.68 3.63 -6.91
N TRP A 189 6.11 2.43 -6.79
CA TRP A 189 4.67 2.26 -6.66
C TRP A 189 3.89 2.79 -7.87
N SER A 190 4.53 2.85 -9.04
CA SER A 190 3.93 3.43 -10.23
C SER A 190 3.69 2.37 -11.29
N GLN A 191 2.45 2.30 -11.79
CA GLN A 191 2.14 1.38 -12.89
C GLN A 191 2.95 1.71 -14.13
N THR A 192 3.01 3.00 -14.48
CA THR A 192 3.71 3.37 -15.71
C THR A 192 5.21 3.13 -15.58
N GLU A 193 5.81 3.43 -14.41
CA GLU A 193 7.23 3.13 -14.24
C GLU A 193 7.48 1.63 -14.30
N ALA A 194 6.58 0.84 -13.71
CA ALA A 194 6.77 -0.59 -13.70
C ALA A 194 6.70 -1.18 -15.10
N TYR A 195 5.80 -0.65 -15.93
CA TYR A 195 5.74 -1.11 -17.31
C TYR A 195 7.08 -0.87 -18.00
N SER A 196 7.59 0.35 -17.91
CA SER A 196 8.83 0.71 -18.59
C SER A 196 9.99 -0.09 -18.04
N LYS A 197 10.10 -0.17 -16.70
N LYS A 197 10.07 -0.24 -16.72
CA LYS A 197 11.16 -0.95 -16.09
CA LYS A 197 11.20 -0.98 -16.16
C LYS A 197 11.09 -2.40 -16.54
C LYS A 197 11.06 -2.48 -16.37
N MET A 198 9.90 -2.99 -16.50
N MET A 198 9.84 -3.00 -16.49
CA MET A 198 9.75 -4.41 -16.84
CA MET A 198 9.70 -4.41 -16.84
C MET A 198 10.18 -4.68 -18.27
C MET A 198 10.16 -4.68 -18.26
N GLU A 199 9.88 -3.76 -19.19
CA GLU A 199 10.34 -3.94 -20.56
C GLU A 199 11.86 -4.06 -20.60
N THR A 200 12.54 -3.16 -19.88
CA THR A 200 13.99 -3.18 -19.85
C THR A 200 14.51 -4.45 -19.20
N ILE A 201 13.95 -4.82 -18.05
CA ILE A 201 14.42 -6.01 -17.34
C ILE A 201 14.22 -7.25 -18.20
N LEU A 202 13.08 -7.33 -18.88
CA LEU A 202 12.79 -8.53 -19.68
C LEU A 202 13.75 -8.64 -20.85
N GLN A 203 14.07 -7.51 -21.48
CA GLN A 203 15.02 -7.55 -22.59
C GLN A 203 16.38 -8.04 -22.13
N ALA A 204 16.80 -7.66 -20.93
CA ALA A 204 18.09 -8.10 -20.42
C ALA A 204 18.05 -9.50 -19.84
N ASN A 205 16.87 -9.99 -19.45
CA ASN A 205 16.72 -11.27 -18.76
C ASN A 205 15.56 -12.04 -19.37
N PRO A 206 15.70 -12.52 -20.60
CA PRO A 206 14.58 -13.27 -21.20
C PRO A 206 14.27 -14.57 -20.49
N ASP A 207 15.24 -15.14 -19.77
CA ASP A 207 15.07 -16.41 -19.09
C ASP A 207 14.51 -16.22 -17.69
N ILE A 208 13.45 -15.44 -17.56
CA ILE A 208 12.76 -15.28 -16.29
C ILE A 208 11.47 -16.08 -16.30
N LYS A 209 11.14 -16.57 -15.11
CA LYS A 209 9.96 -17.39 -14.88
C LYS A 209 8.90 -16.68 -14.06
N GLY A 210 9.27 -15.65 -13.31
CA GLY A 210 8.33 -14.96 -12.44
C GLY A 210 8.78 -13.58 -12.05
N VAL A 211 7.81 -12.79 -11.60
CA VAL A 211 8.02 -11.44 -11.08
C VAL A 211 7.25 -11.34 -9.78
N ILE A 212 7.90 -10.89 -8.71
CA ILE A 212 7.22 -10.59 -7.46
C ILE A 212 7.30 -9.08 -7.25
N SER A 213 6.15 -8.47 -6.97
CA SER A 213 6.04 -7.02 -6.89
C SER A 213 5.64 -6.59 -5.48
N GLY A 214 6.22 -5.49 -5.03
CA GLY A 214 5.88 -4.90 -3.75
C GLY A 214 4.49 -4.30 -3.70
N ASN A 215 3.85 -4.03 -4.83
CA ASN A 215 2.47 -3.58 -4.78
C ASN A 215 1.71 -3.94 -6.07
N ASP A 216 0.43 -3.60 -6.09
CA ASP A 216 -0.45 -4.01 -7.17
C ASP A 216 -0.34 -3.12 -8.39
N THR A 217 -0.14 -1.81 -8.25
CA THR A 217 0.02 -1.00 -9.45
C THR A 217 1.27 -1.41 -10.24
N MET A 218 2.35 -1.74 -9.54
CA MET A 218 3.54 -2.20 -10.26
C MET A 218 3.29 -3.56 -10.89
N ALA A 219 2.50 -4.41 -10.23
CA ALA A 219 2.15 -5.70 -10.81
C ALA A 219 1.32 -5.53 -12.07
N MET A 220 0.40 -4.55 -12.08
CA MET A 220 -0.38 -4.25 -13.28
C MET A 220 0.52 -3.81 -14.43
N GLY A 221 1.51 -2.96 -14.15
CA GLY A 221 2.43 -2.55 -15.19
C GLY A 221 3.27 -3.71 -15.69
N ALA A 222 3.73 -4.58 -14.78
CA ALA A 222 4.54 -5.73 -15.17
C ALA A 222 3.75 -6.69 -16.05
N ILE A 223 2.51 -7.04 -15.65
CA ILE A 223 1.75 -8.02 -16.43
C ILE A 223 1.48 -7.46 -17.83
N ALA A 224 1.21 -6.16 -17.93
CA ALA A 224 0.96 -5.56 -19.24
C ALA A 224 2.21 -5.60 -20.13
N ALA A 225 3.37 -5.28 -19.56
CA ALA A 225 4.61 -5.36 -20.32
C ALA A 225 4.89 -6.78 -20.76
N LEU A 226 4.66 -7.75 -19.87
CA LEU A 226 4.90 -9.14 -20.22
C LEU A 226 3.95 -9.60 -21.33
N GLN A 227 2.69 -9.19 -21.26
CA GLN A 227 1.73 -9.56 -22.29
C GLN A 227 2.13 -8.96 -23.64
N ALA A 228 2.57 -7.69 -23.64
CA ALA A 228 2.96 -7.03 -24.88
C ALA A 228 4.16 -7.74 -25.50
N ALA A 229 5.00 -8.39 -24.69
CA ALA A 229 6.16 -9.11 -25.16
C ALA A 229 5.86 -10.57 -25.49
N GLY A 230 4.59 -10.99 -25.39
CA GLY A 230 4.28 -12.38 -25.66
C GLY A 230 4.77 -13.32 -24.59
N ARG A 231 4.81 -12.87 -23.34
CA ARG A 231 5.32 -13.67 -22.23
C ARG A 231 4.27 -13.88 -21.16
N LYS A 232 3.10 -14.38 -21.56
CA LYS A 232 2.03 -14.69 -20.61
C LYS A 232 2.38 -15.86 -19.71
N ASP A 233 3.45 -16.59 -20.01
CA ASP A 233 3.90 -17.69 -19.17
C ASP A 233 4.47 -17.21 -17.84
N VAL A 234 4.91 -15.96 -17.76
CA VAL A 234 5.60 -15.48 -16.56
C VAL A 234 4.61 -15.29 -15.43
N ILE A 235 4.95 -15.81 -14.26
CA ILE A 235 4.13 -15.77 -13.05
C ILE A 235 4.34 -14.44 -12.34
N VAL A 236 3.25 -13.71 -12.07
CA VAL A 236 3.32 -12.43 -11.38
C VAL A 236 2.53 -12.52 -10.09
N VAL A 237 3.11 -12.07 -8.99
CA VAL A 237 2.43 -11.94 -7.71
C VAL A 237 2.55 -10.49 -7.25
N GLY A 238 1.43 -9.90 -6.83
CA GLY A 238 1.39 -8.54 -6.35
C GLY A 238 1.13 -8.42 -4.86
N PHE A 239 0.76 -7.21 -4.44
CA PHE A 239 0.45 -6.92 -3.04
C PHE A 239 -0.46 -5.69 -2.99
N ASP A 240 -1.62 -5.84 -2.36
CA ASP A 240 -2.59 -4.79 -2.03
C ASP A 240 -3.99 -5.37 -1.99
N GLY A 241 -4.37 -6.11 -3.04
CA GLY A 241 -5.72 -6.59 -3.22
C GLY A 241 -6.64 -5.68 -3.99
N SER A 242 -6.15 -4.96 -4.99
CA SER A 242 -7.02 -4.04 -5.73
C SER A 242 -7.97 -4.80 -6.67
N ASN A 243 -9.07 -4.13 -7.04
CA ASN A 243 -10.00 -4.69 -8.01
C ASN A 243 -9.30 -4.95 -9.33
N ASP A 244 -8.36 -4.10 -9.74
CA ASP A 244 -7.65 -4.30 -10.99
C ASP A 244 -6.87 -5.61 -10.98
N VAL A 245 -6.11 -5.86 -9.90
CA VAL A 245 -5.36 -7.09 -9.84
C VAL A 245 -6.28 -8.28 -9.63
N ARG A 246 -7.32 -8.13 -8.82
CA ARG A 246 -8.36 -9.16 -8.73
C ARG A 246 -8.84 -9.60 -10.11
N ASP A 247 -9.16 -8.62 -10.95
CA ASP A 247 -9.70 -8.91 -12.27
C ASP A 247 -8.66 -9.64 -13.12
N SER A 248 -7.40 -9.26 -13.00
CA SER A 248 -6.33 -9.97 -13.70
C SER A 248 -6.25 -11.42 -13.23
N ILE A 249 -6.34 -11.65 -11.91
CA ILE A 249 -6.35 -13.01 -11.39
C ILE A 249 -7.51 -13.81 -11.98
N LYS A 250 -8.70 -13.19 -12.03
CA LYS A 250 -9.89 -13.88 -12.54
C LYS A 250 -9.75 -14.22 -14.01
N SER A 251 -8.96 -13.48 -14.76
CA SER A 251 -8.82 -13.72 -16.19
C SER A 251 -7.56 -14.50 -16.54
N GLY A 252 -6.85 -15.03 -15.55
CA GLY A 252 -5.69 -15.84 -15.83
C GLY A 252 -4.39 -15.09 -16.04
N GLY A 253 -4.33 -13.83 -15.65
CA GLY A 253 -3.13 -13.00 -15.78
C GLY A 253 -2.24 -13.11 -14.56
N ILE A 254 -2.26 -12.10 -13.70
CA ILE A 254 -1.55 -12.18 -12.44
C ILE A 254 -2.07 -13.39 -11.67
N LYS A 255 -1.22 -14.03 -10.89
CA LYS A 255 -1.62 -15.26 -10.22
C LYS A 255 -2.09 -15.08 -8.78
N ALA A 256 -1.60 -14.05 -8.08
CA ALA A 256 -1.99 -13.87 -6.70
C ALA A 256 -1.64 -12.47 -6.26
N THR A 257 -2.25 -12.05 -5.16
CA THR A 257 -1.88 -10.84 -4.47
C THR A 257 -2.16 -11.03 -2.98
N VAL A 258 -2.01 -9.96 -2.21
CA VAL A 258 -2.16 -9.98 -0.76
C VAL A 258 -3.05 -8.81 -0.39
N LEU A 259 -4.16 -9.09 0.27
CA LEU A 259 -5.12 -8.06 0.62
C LEU A 259 -4.66 -7.29 1.86
N GLN A 260 -4.50 -6.00 1.71
CA GLN A 260 -4.48 -5.05 2.82
C GLN A 260 -5.90 -4.52 3.00
N PRO A 261 -6.44 -4.48 4.21
CA PRO A 261 -7.85 -4.09 4.40
C PRO A 261 -8.01 -2.57 4.39
N ALA A 262 -7.80 -1.97 3.22
CA ALA A 262 -7.68 -0.52 3.11
C ALA A 262 -8.94 0.20 3.57
N TYR A 263 -10.10 -0.29 3.17
CA TYR A 263 -11.35 0.38 3.50
C TYR A 263 -11.57 0.35 5.00
N ALA A 264 -11.43 -0.82 5.62
CA ALA A 264 -11.62 -0.96 7.05
C ALA A 264 -10.57 -0.18 7.82
N GLN A 265 -9.34 -0.11 7.30
CA GLN A 265 -8.27 0.60 8.00
C GLN A 265 -8.57 2.09 8.06
N ALA A 266 -9.01 2.66 6.93
CA ALA A 266 -9.40 4.05 6.90
C ALA A 266 -10.56 4.33 7.84
N GLN A 267 -11.55 3.42 7.88
CA GLN A 267 -12.68 3.62 8.78
C GLN A 267 -12.27 3.53 10.25
N LEU A 268 -11.34 2.62 10.58
CA LEU A 268 -10.90 2.51 11.95
C LEU A 268 -10.19 3.78 12.39
N ALA A 269 -9.37 4.37 11.51
CA ALA A 269 -8.73 5.64 11.85
C ALA A 269 -9.76 6.71 12.18
N VAL A 270 -10.84 6.80 11.41
CA VAL A 270 -11.85 7.79 11.70
C VAL A 270 -12.57 7.47 13.00
N GLU A 271 -12.84 6.18 13.27
CA GLU A 271 -13.44 5.83 14.55
C GLU A 271 -12.57 6.27 15.72
N GLN A 272 -11.26 6.06 15.63
CA GLN A 272 -10.37 6.50 16.70
C GLN A 272 -10.31 8.02 16.77
N ALA A 273 -10.33 8.70 15.62
CA ALA A 273 -10.40 10.16 15.62
C ALA A 273 -11.64 10.65 16.36
N ASP A 274 -12.79 10.08 16.04
CA ASP A 274 -14.04 10.47 16.67
C ASP A 274 -13.98 10.26 18.18
N ALA A 275 -13.45 9.12 18.63
CA ALA A 275 -13.37 8.86 20.06
C ALA A 275 -12.48 9.88 20.75
N TYR A 276 -11.38 10.28 20.07
CA TYR A 276 -10.47 11.28 20.60
C TYR A 276 -11.12 12.65 20.66
N ILE A 277 -11.83 13.03 19.60
CA ILE A 277 -12.52 14.32 19.58
C ILE A 277 -13.55 14.37 20.70
N LYS A 278 -14.26 13.26 20.93
CA LYS A 278 -15.37 13.29 21.89
C LYS A 278 -14.89 13.42 23.33
N ASN A 279 -13.87 12.66 23.73
CA ASN A 279 -13.46 12.71 25.14
C ASN A 279 -11.98 12.38 25.33
N LYS A 280 -11.16 12.55 24.30
CA LYS A 280 -9.73 12.34 24.35
C LYS A 280 -9.35 10.88 24.61
N THR A 281 -10.25 9.95 24.31
CA THR A 281 -9.88 8.55 24.29
C THR A 281 -8.74 8.35 23.30
N THR A 282 -7.68 7.72 23.75
CA THR A 282 -6.56 7.40 22.88
C THR A 282 -6.39 5.90 22.81
N PRO A 283 -5.92 5.37 21.69
CA PRO A 283 -5.62 3.94 21.63
C PRO A 283 -4.53 3.57 22.61
N LYS A 284 -4.62 2.37 23.19
CA LYS A 284 -3.61 1.91 24.13
C LYS A 284 -2.22 1.95 23.49
N GLU A 285 -2.12 1.54 22.23
CA GLU A 285 -0.87 1.58 21.48
C GLU A 285 -1.06 2.46 20.26
N GLU A 286 -0.18 3.44 20.09
CA GLU A 286 -0.22 4.29 18.90
C GLU A 286 -0.14 3.46 17.64
N LYS A 287 0.87 2.60 17.57
CA LYS A 287 1.13 1.80 16.37
C LYS A 287 0.32 0.51 16.44
N GLN A 288 -0.45 0.26 15.38
CA GLN A 288 -1.40 -0.84 15.32
C GLN A 288 -1.25 -1.53 13.97
N LEU A 289 -1.43 -2.84 13.98
CA LEU A 289 -1.31 -3.68 12.81
C LEU A 289 -2.65 -4.33 12.49
N MET A 290 -2.90 -4.50 11.20
CA MET A 290 -4.06 -5.25 10.72
C MET A 290 -3.58 -6.37 9.81
N ASP A 291 -4.19 -7.54 9.95
CA ASP A 291 -3.76 -8.72 9.23
C ASP A 291 -4.05 -8.65 7.74
N CYS A 292 -3.13 -9.19 6.95
CA CYS A 292 -3.29 -9.40 5.51
C CYS A 292 -3.75 -10.83 5.23
N VAL A 293 -4.31 -11.02 4.04
N VAL A 293 -4.31 -11.03 4.05
CA VAL A 293 -4.85 -12.30 3.57
CA VAL A 293 -4.76 -12.35 3.62
C VAL A 293 -4.39 -12.53 2.13
C VAL A 293 -4.42 -12.55 2.15
N LEU A 294 -4.00 -13.75 1.80
CA LEU A 294 -3.65 -14.06 0.42
C LEU A 294 -4.89 -14.08 -0.46
N ILE A 295 -4.77 -13.49 -1.64
CA ILE A 295 -5.81 -13.53 -2.69
C ILE A 295 -5.28 -14.34 -3.87
N ASN A 296 -6.04 -15.33 -4.29
CA ASN A 296 -5.70 -16.08 -5.50
C ASN A 296 -7.00 -16.44 -6.20
N ALA A 297 -6.95 -17.35 -7.18
CA ALA A 297 -8.13 -17.62 -7.97
C ALA A 297 -9.27 -18.17 -7.12
N ASP A 298 -8.95 -18.80 -5.99
CA ASP A 298 -9.98 -19.44 -5.17
C ASP A 298 -10.81 -18.46 -4.35
N ASN A 299 -10.32 -17.26 -4.07
CA ASN A 299 -11.12 -16.29 -3.33
C ASN A 299 -11.20 -14.93 -3.99
N ALA A 300 -10.64 -14.76 -5.19
CA ALA A 300 -10.76 -13.48 -5.88
C ALA A 300 -12.21 -13.08 -6.09
N GLY A 301 -13.09 -14.05 -6.29
CA GLY A 301 -14.49 -13.77 -6.48
C GLY A 301 -15.25 -13.36 -5.23
N LYS A 302 -14.57 -13.30 -4.09
CA LYS A 302 -15.17 -12.80 -2.85
C LYS A 302 -14.62 -11.42 -2.47
N LEU A 303 -13.77 -10.84 -3.31
CA LEU A 303 -13.08 -9.60 -3.02
C LEU A 303 -13.74 -8.45 -3.76
N GLU A 304 -13.95 -7.33 -3.06
CA GLU A 304 -14.52 -6.14 -3.67
C GLU A 304 -14.08 -4.94 -2.86
N THR A 305 -13.43 -3.98 -3.51
CA THR A 305 -13.03 -2.73 -2.88
C THR A 305 -12.34 -2.99 -1.54
N PHE A 306 -11.30 -3.84 -1.60
CA PHE A 306 -10.39 -4.10 -0.49
C PHE A 306 -11.06 -4.75 0.71
N ALA A 307 -12.13 -5.50 0.48
CA ALA A 307 -12.77 -6.26 1.52
C ALA A 307 -13.19 -7.61 0.98
N LEU A 308 -13.03 -8.64 1.81
CA LEU A 308 -13.53 -9.97 1.49
C LEU A 308 -14.91 -10.18 2.12
N THR A 309 -15.79 -10.83 1.39
CA THR A 309 -17.10 -11.20 1.92
C THR A 309 -17.40 -12.65 1.58
O5 XXM B . -0.35 0.53 -3.61
C5 XXM B . -0.56 0.95 -2.24
C3 XXM B . 0.68 0.70 -1.40
O3 XXM B . 1.01 -0.69 -1.48
C4 XXM B . 1.92 1.47 -2.09
O4 XXM B . 2.13 2.59 -1.08
C1 XXM B . 1.84 2.15 0.16
O1 XXM B . 2.77 1.40 0.77
C2 XXM B . 0.51 1.19 -0.13
O2 XXM B . 0.36 0.24 0.95
CA CA C . 14.64 -17.68 5.30
#